data_4DX2
#
_entry.id   4DX2
#
_cell.length_a   147.890
_cell.length_b   147.890
_cell.length_c   93.901
_cell.angle_alpha   90.000
_cell.angle_beta   90.000
_cell.angle_gamma   120.000
#
_symmetry.space_group_name_H-M   'P 32 2 1'
#
loop_
_entity.id
_entity.type
_entity.pdbx_description
1 polymer 'Transient receptor potential cation channel subfamily V member 4'
2 non-polymer beta-D-glucopyranose
3 non-polymer "ADENOSINE-5'-TRIPHOSPHATE"
4 non-polymer GLYCEROL
5 water water
#
_entity_poly.entity_id   1
_entity_poly.type   'polypeptide(L)'
_entity_poly.pdbx_seq_one_letter_code
;MFNRPILFDIVSRGSTADLDGLLPFLLTHKKRLTDEEFREPSTGKTCLPKALLNLSNGRNDTIPVLLDIAERTGNMREFI
NSPFRDIYYRGQTALHIAIERRCKHYVELLVAQGADVHAQARGRFFQPKDEGGYFYFGELPLSLAACTNQPHIVNYLTEN
PHKKADMRRQDSRGNTVLHALVAIADNTRENTKFVTKMYDLLLLKCARLFPDSNLEAVLNNDGLSPLMMAAKTGKIGIFQ
HIIRREVTDEAAAHHHHHH
;
_entity_poly.pdbx_strand_id   A,B
#
# COMPACT_ATOMS: atom_id res chain seq x y z
N MET A 1 7.25 -20.62 -19.24
CA MET A 1 6.17 -20.06 -18.32
C MET A 1 6.78 -19.31 -17.13
N PHE A 2 5.97 -18.68 -16.27
CA PHE A 2 6.53 -17.99 -15.08
C PHE A 2 5.82 -18.28 -13.74
N ASN A 3 6.50 -18.91 -12.78
CA ASN A 3 5.93 -19.12 -11.43
C ASN A 3 6.95 -18.61 -10.40
N ARG A 4 6.70 -18.76 -9.10
CA ARG A 4 7.59 -18.12 -8.15
CA ARG A 4 7.60 -18.15 -8.11
C ARG A 4 9.00 -18.71 -8.31
N PRO A 5 9.11 -20.04 -8.37
CA PRO A 5 10.52 -20.43 -8.41
C PRO A 5 11.30 -19.95 -9.63
N ILE A 6 10.65 -19.95 -10.79
CA ILE A 6 11.32 -19.53 -12.01
C ILE A 6 11.67 -18.04 -11.93
N LEU A 7 10.68 -17.21 -11.56
CA LEU A 7 10.92 -15.78 -11.38
C LEU A 7 12.09 -15.52 -10.44
N PHE A 8 12.13 -16.25 -9.32
CA PHE A 8 13.16 -15.97 -8.32
C PHE A 8 14.52 -16.42 -8.81
N ASP A 9 14.57 -17.55 -9.51
CA ASP A 9 15.79 -18.01 -10.09
C ASP A 9 16.38 -16.97 -11.03
N ILE A 10 15.53 -16.44 -11.89
CA ILE A 10 15.96 -15.52 -12.88
C ILE A 10 16.53 -14.26 -12.20
N VAL A 11 15.85 -13.79 -11.15
CA VAL A 11 16.25 -12.52 -10.58
C VAL A 11 17.47 -12.79 -9.72
N SER A 12 17.52 -13.98 -9.16
CA SER A 12 18.59 -14.29 -8.28
C SER A 12 19.85 -14.28 -9.12
N ARG A 13 19.72 -14.54 -10.40
CA ARG A 13 20.86 -14.65 -11.29
C ARG A 13 21.17 -13.30 -11.92
N GLY A 14 20.29 -12.32 -11.70
CA GLY A 14 20.41 -11.03 -12.37
C GLY A 14 20.20 -11.07 -13.89
N SER A 15 19.50 -12.10 -14.38
CA SER A 15 19.37 -12.27 -15.82
C SER A 15 18.23 -11.49 -16.40
N THR A 16 18.50 -10.37 -17.06
CA THR A 16 17.37 -9.68 -17.70
C THR A 16 16.90 -10.43 -18.94
N ALA A 17 17.86 -10.99 -19.68
CA ALA A 17 17.54 -11.92 -20.79
C ALA A 17 16.33 -12.77 -20.47
N ASP A 18 16.29 -13.41 -19.29
CA ASP A 18 15.33 -14.46 -19.05
C ASP A 18 13.99 -13.92 -18.62
N LEU A 19 13.94 -12.64 -18.31
CA LEU A 19 12.69 -12.02 -17.93
C LEU A 19 11.83 -11.76 -19.14
N ASP A 20 12.41 -11.94 -20.33
CA ASP A 20 11.71 -11.80 -21.60
C ASP A 20 10.47 -12.63 -21.54
N GLY A 21 9.34 -11.94 -21.75
CA GLY A 21 8.05 -12.57 -21.81
C GLY A 21 7.14 -12.38 -20.61
N LEU A 22 7.75 -11.99 -19.50
CA LEU A 22 7.04 -11.74 -18.25
C LEU A 22 5.88 -10.75 -18.40
N LEU A 23 6.17 -9.58 -18.96
CA LEU A 23 5.11 -8.57 -19.05
C LEU A 23 3.87 -9.13 -19.84
N PRO A 24 4.10 -9.59 -21.09
CA PRO A 24 2.97 -10.19 -21.80
C PRO A 24 2.32 -11.36 -21.03
N PHE A 25 3.12 -12.06 -20.25
CA PHE A 25 2.59 -13.20 -19.51
C PHE A 25 1.53 -12.75 -18.52
N LEU A 26 1.88 -11.71 -17.76
CA LEU A 26 1.06 -11.26 -16.65
C LEU A 26 -0.17 -10.59 -17.19
N LEU A 27 0.07 -9.80 -18.23
CA LEU A 27 -1.01 -9.13 -18.91
C LEU A 27 -2.00 -10.16 -19.42
N THR A 28 -1.54 -11.21 -20.07
CA THR A 28 -2.54 -12.06 -20.66
C THR A 28 -3.28 -12.87 -19.61
N HIS A 29 -2.62 -13.19 -18.50
CA HIS A 29 -3.25 -13.99 -17.45
C HIS A 29 -3.81 -13.21 -16.30
N LYS A 30 -3.92 -11.90 -16.47
CA LYS A 30 -4.45 -11.01 -15.44
C LYS A 30 -3.69 -11.09 -14.08
N LYS A 31 -2.39 -11.38 -14.14
CA LYS A 31 -1.61 -11.49 -12.91
C LYS A 31 -0.78 -10.18 -12.62
N ARG A 32 -0.41 -10.00 -11.35
CA ARG A 32 0.48 -8.94 -10.96
C ARG A 32 1.60 -9.53 -10.11
N LEU A 33 2.72 -8.81 -10.13
CA LEU A 33 3.93 -9.19 -9.41
C LEU A 33 3.81 -9.22 -7.88
N THR A 34 2.76 -8.57 -7.36
CA THR A 34 2.31 -8.60 -5.97
C THR A 34 1.31 -9.69 -5.64
N ASP A 35 0.70 -10.34 -6.63
CA ASP A 35 -0.13 -11.52 -6.34
C ASP A 35 0.57 -12.59 -5.50
N GLU A 36 -0.20 -13.29 -4.70
CA GLU A 36 0.37 -14.30 -3.83
C GLU A 36 1.22 -15.37 -4.50
N GLU A 37 0.82 -15.83 -5.70
CA GLU A 37 1.55 -16.79 -6.54
C GLU A 37 3.01 -16.34 -6.73
N PHE A 38 3.27 -15.04 -6.64
CA PHE A 38 4.63 -14.56 -6.86
C PHE A 38 5.37 -14.05 -5.59
N ARG A 39 4.88 -14.44 -4.41
CA ARG A 39 5.57 -14.11 -3.13
C ARG A 39 5.91 -15.37 -2.36
N GLU A 40 6.92 -15.26 -1.49
CA GLU A 40 7.26 -16.32 -0.55
C GLU A 40 6.19 -16.31 0.57
N PRO A 41 5.47 -17.43 0.73
CA PRO A 41 4.19 -17.29 1.42
C PRO A 41 4.36 -16.94 2.92
N SER A 42 5.34 -17.55 3.59
CA SER A 42 5.81 -17.16 4.92
C SER A 42 6.04 -15.67 5.12
N THR A 43 6.83 -15.07 4.27
CA THR A 43 7.25 -13.73 4.56
C THR A 43 6.52 -12.66 3.76
N GLY A 44 5.84 -13.10 2.70
CA GLY A 44 5.22 -12.17 1.76
C GLY A 44 6.21 -11.46 0.86
N LYS A 45 7.42 -12.00 0.74
CA LYS A 45 8.51 -11.33 0.03
C LYS A 45 8.29 -11.37 -1.47
N THR A 46 8.34 -10.20 -2.13
CA THR A 46 8.24 -10.20 -3.60
C THR A 46 9.60 -10.45 -4.23
N CYS A 47 9.66 -10.48 -5.56
CA CYS A 47 10.92 -10.63 -6.24
C CYS A 47 11.80 -9.36 -6.22
N LEU A 48 11.21 -8.24 -5.84
CA LEU A 48 12.01 -7.02 -5.71
C LEU A 48 13.11 -7.18 -4.61
N PRO A 49 12.68 -7.45 -3.35
CA PRO A 49 13.68 -7.68 -2.30
C PRO A 49 14.62 -8.81 -2.68
N LYS A 50 14.06 -9.83 -3.32
CA LYS A 50 14.85 -10.94 -3.80
C LYS A 50 15.98 -10.44 -4.65
N ALA A 51 15.64 -9.59 -5.64
CA ALA A 51 16.67 -9.00 -6.51
C ALA A 51 17.74 -8.27 -5.69
N LEU A 52 17.29 -7.41 -4.77
CA LEU A 52 18.19 -6.56 -3.99
C LEU A 52 19.11 -7.37 -3.12
N LEU A 53 18.64 -8.53 -2.66
CA LEU A 53 19.47 -9.39 -1.81
C LEU A 53 20.43 -10.22 -2.61
N ASN A 54 20.39 -10.09 -3.94
CA ASN A 54 21.36 -10.72 -4.84
C ASN A 54 21.96 -9.74 -5.80
N LEU A 55 22.80 -8.87 -5.26
CA LEU A 55 23.57 -7.93 -6.05
C LEU A 55 24.85 -8.57 -6.49
N SER A 56 25.52 -7.91 -7.41
CA SER A 56 26.80 -8.37 -7.84
C SER A 56 27.54 -7.12 -8.26
N ASN A 57 28.58 -6.77 -7.50
CA ASN A 57 29.08 -5.40 -7.44
C ASN A 57 27.93 -4.45 -7.28
N GLY A 58 27.04 -4.69 -6.32
CA GLY A 58 25.87 -3.82 -6.14
C GLY A 58 25.02 -3.51 -7.36
N ARG A 59 25.07 -4.37 -8.37
CA ARG A 59 24.20 -4.31 -9.55
CA ARG A 59 24.13 -4.25 -9.46
C ARG A 59 23.23 -5.50 -9.50
N ASN A 60 21.97 -5.29 -9.83
CA ASN A 60 21.11 -6.38 -10.29
C ASN A 60 20.22 -5.75 -11.31
N ASP A 61 20.52 -5.99 -12.58
CA ASP A 61 19.86 -5.23 -13.61
C ASP A 61 18.39 -5.54 -13.76
N THR A 62 17.91 -6.58 -13.10
CA THR A 62 16.52 -6.94 -13.25
C THR A 62 15.67 -5.93 -12.53
N ILE A 63 16.24 -5.27 -11.54
CA ILE A 63 15.48 -4.32 -10.70
C ILE A 63 14.76 -3.27 -11.56
N PRO A 64 15.52 -2.50 -12.37
CA PRO A 64 14.80 -1.52 -13.16
C PRO A 64 13.76 -2.14 -14.09
N VAL A 65 14.01 -3.33 -14.60
CA VAL A 65 12.99 -4.03 -15.40
C VAL A 65 11.74 -4.38 -14.53
N LEU A 66 11.95 -4.95 -13.34
CA LEU A 66 10.85 -5.42 -12.54
C LEU A 66 9.99 -4.24 -12.27
N LEU A 67 10.64 -3.09 -12.02
CA LEU A 67 9.87 -1.88 -11.73
C LEU A 67 8.99 -1.46 -12.93
N ASP A 68 9.56 -1.54 -14.12
CA ASP A 68 8.88 -1.07 -15.30
C ASP A 68 7.69 -1.98 -15.57
N ILE A 69 7.90 -3.28 -15.42
CA ILE A 69 6.80 -4.21 -15.55
C ILE A 69 5.64 -3.95 -14.54
N ALA A 70 5.98 -3.50 -13.34
CA ALA A 70 4.97 -3.28 -12.31
C ALA A 70 4.20 -2.03 -12.72
N GLU A 71 4.93 -1.01 -13.12
CA GLU A 71 4.34 0.17 -13.69
C GLU A 71 3.28 -0.25 -14.72
N ARG A 72 3.69 -1.11 -15.62
CA ARG A 72 2.89 -1.46 -16.75
C ARG A 72 1.82 -2.49 -16.44
N THR A 73 1.81 -3.07 -15.25
CA THR A 73 0.68 -3.87 -14.85
C THR A 73 -0.15 -3.06 -13.83
N GLY A 74 0.06 -1.73 -13.83
CA GLY A 74 -0.66 -0.78 -13.00
C GLY A 74 -0.47 -0.97 -11.51
N ASN A 75 0.75 -1.22 -11.11
CA ASN A 75 0.99 -1.86 -9.84
C ASN A 75 2.24 -1.33 -9.08
N MET A 76 2.87 -0.25 -9.55
CA MET A 76 4.24 0.05 -9.09
C MET A 76 4.38 0.47 -7.66
N ARG A 77 3.53 1.38 -7.19
CA ARG A 77 3.69 1.80 -5.81
C ARG A 77 3.49 0.62 -4.84
N GLU A 78 2.40 -0.11 -5.04
CA GLU A 78 2.10 -1.25 -4.20
C GLU A 78 3.29 -2.19 -4.19
N PHE A 79 3.85 -2.45 -5.36
CA PHE A 79 4.98 -3.35 -5.57
C PHE A 79 6.20 -2.95 -4.74
N ILE A 80 6.61 -1.70 -4.89
CA ILE A 80 7.77 -1.16 -4.19
C ILE A 80 7.57 -1.18 -2.65
N ASN A 81 6.40 -0.77 -2.20
CA ASN A 81 6.20 -0.72 -0.77
C ASN A 81 5.72 -2.01 -0.14
N SER A 82 5.55 -3.07 -0.92
CA SER A 82 5.32 -4.40 -0.34
C SER A 82 6.39 -4.71 0.71
N PRO A 83 5.93 -4.97 1.95
CA PRO A 83 6.68 -5.17 3.20
C PRO A 83 6.84 -6.63 3.51
N PHE A 84 7.90 -7.03 4.18
CA PHE A 84 7.90 -8.38 4.74
C PHE A 84 6.79 -8.39 5.78
N ARG A 85 6.15 -9.52 6.00
CA ARG A 85 5.03 -9.53 6.90
C ARG A 85 5.12 -10.57 8.03
N ASP A 86 6.27 -11.23 8.08
CA ASP A 86 6.53 -12.22 9.08
C ASP A 86 7.00 -11.58 10.37
N ILE A 87 6.86 -12.29 11.49
CA ILE A 87 7.19 -11.66 12.79
C ILE A 87 8.65 -11.19 12.89
N TYR A 88 9.55 -11.81 12.13
CA TYR A 88 10.98 -11.56 12.25
C TYR A 88 11.48 -10.39 11.35
N TYR A 89 11.07 -10.32 10.08
CA TYR A 89 11.51 -9.21 9.21
C TYR A 89 10.43 -8.18 8.96
N ARG A 90 9.41 -8.21 9.83
CA ARG A 90 8.18 -7.44 9.63
C ARG A 90 8.44 -6.00 9.23
N GLY A 91 7.78 -5.52 8.18
CA GLY A 91 7.84 -4.09 7.90
C GLY A 91 8.98 -3.74 6.96
N GLN A 92 9.98 -4.62 6.91
CA GLN A 92 11.09 -4.34 6.00
C GLN A 92 10.63 -4.15 4.54
N THR A 93 11.21 -3.17 3.86
CA THR A 93 10.90 -2.99 2.45
C THR A 93 12.12 -2.90 1.53
N ALA A 94 11.86 -2.95 0.21
CA ALA A 94 12.92 -2.85 -0.78
C ALA A 94 13.84 -1.68 -0.43
N LEU A 95 13.23 -0.54 -0.05
CA LEU A 95 14.03 0.63 0.32
C LEU A 95 15.01 0.32 1.45
N HIS A 96 14.55 -0.31 2.53
CA HIS A 96 15.52 -0.71 3.57
C HIS A 96 16.71 -1.48 3.04
N ILE A 97 16.46 -2.40 2.12
CA ILE A 97 17.52 -3.28 1.60
C ILE A 97 18.50 -2.50 0.73
N ALA A 98 17.99 -1.58 -0.09
CA ALA A 98 18.85 -0.74 -0.91
C ALA A 98 19.81 0.02 0.00
N ILE A 99 19.26 0.57 1.09
CA ILE A 99 20.04 1.34 2.04
C ILE A 99 21.07 0.43 2.69
N GLU A 100 20.62 -0.65 3.31
CA GLU A 100 21.60 -1.50 3.97
C GLU A 100 22.69 -2.07 3.05
N ARG A 101 22.31 -2.52 1.86
CA ARG A 101 23.29 -3.05 0.90
C ARG A 101 24.15 -1.91 0.36
N ARG A 102 23.83 -0.70 0.78
CA ARG A 102 24.67 0.45 0.55
C ARG A 102 24.67 0.93 -0.91
N CYS A 103 23.55 0.78 -1.61
CA CYS A 103 23.52 1.18 -3.01
C CYS A 103 22.74 2.45 -3.24
N LYS A 104 23.40 3.60 -3.30
CA LYS A 104 22.64 4.85 -3.46
C LYS A 104 21.77 4.84 -4.74
N HIS A 105 22.32 4.37 -5.85
CA HIS A 105 21.58 4.30 -7.11
C HIS A 105 20.24 3.63 -6.97
N TYR A 106 20.13 2.57 -6.19
CA TYR A 106 18.80 1.92 -6.06
C TYR A 106 17.90 2.67 -5.09
N VAL A 107 18.49 3.21 -4.02
CA VAL A 107 17.79 4.15 -3.18
C VAL A 107 17.16 5.27 -4.02
N GLU A 108 17.95 5.95 -4.83
CA GLU A 108 17.37 6.99 -5.64
C GLU A 108 16.26 6.44 -6.53
N LEU A 109 16.54 5.37 -7.26
CA LEU A 109 15.57 4.80 -8.18
C LEU A 109 14.27 4.48 -7.42
N LEU A 110 14.43 3.84 -6.26
CA LEU A 110 13.28 3.44 -5.44
C LEU A 110 12.50 4.66 -4.96
N VAL A 111 13.21 5.67 -4.42
CA VAL A 111 12.58 6.90 -3.91
C VAL A 111 11.85 7.61 -5.04
N ALA A 112 12.56 7.99 -6.10
CA ALA A 112 11.94 8.55 -7.31
C ALA A 112 10.68 7.83 -7.75
N GLN A 113 10.68 6.51 -7.69
CA GLN A 113 9.50 5.76 -8.13
C GLN A 113 8.37 5.61 -7.09
N GLY A 114 8.52 6.23 -5.91
CA GLY A 114 7.44 6.23 -4.89
C GLY A 114 7.62 5.43 -3.60
N ALA A 115 8.87 5.17 -3.23
CA ALA A 115 9.06 4.35 -2.08
C ALA A 115 8.65 5.13 -0.83
N ASP A 116 7.83 4.51 0.02
CA ASP A 116 7.47 5.14 1.30
C ASP A 116 8.74 5.35 2.12
N VAL A 117 9.14 6.59 2.36
CA VAL A 117 10.43 6.82 3.02
C VAL A 117 10.37 6.76 4.55
N HIS A 118 9.18 6.52 5.08
CA HIS A 118 8.96 6.40 6.51
C HIS A 118 8.51 5.03 6.89
N ALA A 119 8.89 4.05 6.08
CA ALA A 119 8.48 2.69 6.36
C ALA A 119 9.29 2.14 7.51
N GLN A 120 8.63 1.64 8.56
CA GLN A 120 9.36 1.06 9.69
C GLN A 120 9.64 -0.46 9.65
N ALA A 121 10.91 -0.78 9.69
CA ALA A 121 11.35 -2.13 9.90
C ALA A 121 11.09 -2.47 11.36
N ARG A 122 10.01 -3.22 11.68
CA ARG A 122 9.60 -3.46 13.08
C ARG A 122 9.91 -4.83 13.66
N GLY A 123 10.23 -5.80 12.81
CA GLY A 123 10.30 -7.19 13.26
C GLY A 123 11.43 -7.50 14.20
N ARG A 124 11.39 -8.67 14.83
CA ARG A 124 12.42 -9.15 15.76
C ARG A 124 13.84 -8.75 15.29
N PHE A 125 14.16 -9.06 14.04
CA PHE A 125 15.48 -8.86 13.47
C PHE A 125 16.02 -7.41 13.59
N PHE A 126 15.11 -6.46 13.79
CA PHE A 126 15.42 -5.02 13.67
C PHE A 126 15.51 -4.30 15.03
N GLN A 127 15.02 -4.99 16.06
CA GLN A 127 15.05 -4.63 17.47
C GLN A 127 16.43 -4.89 18.11
N PRO A 128 16.68 -4.40 19.35
CA PRO A 128 18.00 -4.59 19.95
C PRO A 128 18.32 -6.03 20.20
N LYS A 129 19.63 -6.29 20.26
CA LYS A 129 20.21 -7.63 20.37
C LYS A 129 19.71 -8.30 21.60
N ASP A 130 19.70 -7.57 22.71
CA ASP A 130 19.21 -8.08 24.00
C ASP A 130 17.75 -8.54 23.90
N GLU A 131 16.96 -7.87 23.07
CA GLU A 131 15.60 -8.30 22.82
C GLU A 131 15.48 -9.29 21.65
N GLY A 132 16.54 -10.07 21.41
CA GLY A 132 16.51 -11.18 20.44
C GLY A 132 16.68 -10.75 19.00
N GLY A 133 17.03 -9.48 18.83
CA GLY A 133 17.22 -8.93 17.51
C GLY A 133 18.63 -9.10 17.01
N TYR A 134 18.94 -8.44 15.91
CA TYR A 134 20.27 -8.50 15.40
C TYR A 134 20.88 -7.13 15.28
N PHE A 135 20.10 -6.15 14.83
CA PHE A 135 20.69 -4.84 14.68
C PHE A 135 19.60 -3.81 14.77
N TYR A 136 19.71 -2.91 15.74
CA TYR A 136 18.68 -1.93 15.99
C TYR A 136 19.19 -0.57 15.47
N PHE A 137 18.39 0.15 14.70
CA PHE A 137 18.85 1.41 14.15
C PHE A 137 17.70 2.36 14.11
N GLY A 138 16.70 2.13 14.95
CA GLY A 138 15.50 2.96 14.96
C GLY A 138 14.53 2.77 13.78
N GLU A 139 14.59 1.63 13.08
CA GLU A 139 13.51 1.17 12.17
C GLU A 139 13.26 1.92 10.84
N LEU A 140 13.58 3.22 10.83
CA LEU A 140 13.30 4.09 9.70
C LEU A 140 14.47 4.20 8.71
N PRO A 141 14.16 4.38 7.43
CA PRO A 141 15.14 4.54 6.37
C PRO A 141 16.19 5.58 6.70
N LEU A 142 15.77 6.75 7.14
CA LEU A 142 16.77 7.74 7.52
C LEU A 142 17.68 7.24 8.66
N SER A 143 17.05 6.76 9.72
CA SER A 143 17.79 6.35 10.90
C SER A 143 18.75 5.22 10.56
N LEU A 144 18.29 4.30 9.71
CA LEU A 144 19.16 3.29 9.13
C LEU A 144 20.34 3.90 8.32
N ALA A 145 20.04 4.92 7.52
CA ALA A 145 21.09 5.51 6.72
C ALA A 145 22.16 6.15 7.65
N ALA A 146 21.67 6.95 8.59
CA ALA A 146 22.51 7.51 9.65
C ALA A 146 23.34 6.44 10.39
N CYS A 147 22.66 5.45 10.97
CA CYS A 147 23.32 4.48 11.82
C CYS A 147 24.36 3.63 11.11
N THR A 148 24.24 3.50 9.80
CA THR A 148 25.20 2.68 9.08
C THR A 148 26.24 3.56 8.41
N ASN A 149 26.21 4.86 8.70
CA ASN A 149 27.28 5.77 8.28
C ASN A 149 27.30 6.02 6.77
N GLN A 150 26.16 6.48 6.26
CA GLN A 150 26.01 6.80 4.86
C GLN A 150 25.44 8.20 4.69
N PRO A 151 26.30 9.20 4.89
CA PRO A 151 25.90 10.59 4.83
C PRO A 151 25.31 10.96 3.49
N HIS A 152 25.85 10.41 2.39
CA HIS A 152 25.31 10.78 1.08
C HIS A 152 23.88 10.37 0.96
N ILE A 153 23.58 9.18 1.50
CA ILE A 153 22.21 8.70 1.47
C ILE A 153 21.36 9.56 2.39
N VAL A 154 21.89 9.83 3.59
CA VAL A 154 21.17 10.70 4.52
C VAL A 154 20.77 12.02 3.86
N ASN A 155 21.69 12.64 3.15
CA ASN A 155 21.35 13.87 2.45
C ASN A 155 20.37 13.66 1.35
N TYR A 156 20.53 12.56 0.61
CA TYR A 156 19.58 12.28 -0.45
C TYR A 156 18.16 12.21 0.16
N LEU A 157 18.01 11.46 1.25
CA LEU A 157 16.70 11.17 1.84
C LEU A 157 16.01 12.40 2.39
N THR A 158 16.77 13.34 2.94
CA THR A 158 16.22 14.49 3.64
C THR A 158 15.95 15.66 2.69
N GLU A 159 16.68 15.70 1.58
CA GLU A 159 16.45 16.72 0.59
C GLU A 159 16.50 16.13 -0.79
N ASN A 160 15.36 15.70 -1.28
CA ASN A 160 15.27 15.24 -2.64
C ASN A 160 13.92 15.70 -3.18
N PRO A 161 13.81 15.87 -4.50
CA PRO A 161 12.56 16.43 -5.03
C PRO A 161 11.31 15.53 -4.81
N HIS A 162 11.50 14.25 -4.53
CA HIS A 162 10.37 13.33 -4.48
C HIS A 162 9.63 13.24 -3.18
N LYS A 163 10.26 12.71 -2.14
CA LYS A 163 9.65 12.61 -0.82
C LYS A 163 10.75 12.74 0.23
N LYS A 164 10.75 13.82 1.03
CA LYS A 164 11.83 14.02 2.01
C LYS A 164 11.50 13.22 3.26
N ALA A 165 12.48 12.55 3.84
CA ALA A 165 12.29 11.93 5.14
C ALA A 165 12.33 13.02 6.21
N ASP A 166 11.25 13.14 6.97
CA ASP A 166 11.25 13.99 8.15
C ASP A 166 12.20 13.46 9.24
N MET A 167 13.16 14.28 9.63
CA MET A 167 14.12 13.90 10.67
C MET A 167 13.55 13.83 12.08
N ARG A 168 12.47 14.56 12.32
CA ARG A 168 11.76 14.57 13.61
C ARG A 168 10.98 13.26 13.87
N ARG A 169 10.90 12.43 12.87
CA ARG A 169 10.13 11.21 12.97
C ARG A 169 10.66 10.29 14.06
N GLN A 170 9.75 9.55 14.71
CA GLN A 170 10.11 8.60 15.78
C GLN A 170 9.69 7.18 15.51
N ASP A 171 10.44 6.19 15.98
CA ASP A 171 10.03 4.79 15.79
C ASP A 171 9.06 4.30 16.86
N SER A 172 8.87 2.97 16.96
CA SER A 172 7.98 2.32 17.95
C SER A 172 8.33 2.63 19.39
N ARG A 173 9.62 2.91 19.62
CA ARG A 173 10.14 3.29 20.93
C ARG A 173 10.06 4.78 21.15
N GLY A 174 9.50 5.49 20.18
CA GLY A 174 9.60 6.95 20.16
C GLY A 174 11.04 7.44 19.99
N ASN A 175 11.90 6.57 19.44
CA ASN A 175 13.27 6.95 19.19
C ASN A 175 13.43 7.64 17.87
N THR A 176 14.42 8.51 17.84
CA THR A 176 14.63 9.50 16.80
C THR A 176 15.98 9.20 16.18
N VAL A 177 16.27 9.71 14.99
CA VAL A 177 17.62 9.41 14.44
C VAL A 177 18.75 9.71 15.43
N LEU A 178 18.58 10.78 16.21
CA LEU A 178 19.49 11.05 17.34
C LEU A 178 19.56 9.94 18.38
N HIS A 179 18.40 9.55 18.92
CA HIS A 179 18.33 8.42 19.86
C HIS A 179 19.00 7.20 19.23
N ALA A 180 18.66 6.97 17.96
CA ALA A 180 19.17 5.83 17.21
C ALA A 180 20.70 5.83 17.17
N LEU A 181 21.23 7.00 16.79
CA LEU A 181 22.64 7.23 16.84
C LEU A 181 23.29 6.86 18.19
N VAL A 182 22.69 7.27 19.30
CA VAL A 182 23.32 6.88 20.55
C VAL A 182 23.23 5.37 20.74
N ALA A 183 22.06 4.78 20.48
CA ALA A 183 21.93 3.32 20.55
C ALA A 183 23.06 2.65 19.72
N ILE A 184 23.36 3.23 18.56
CA ILE A 184 24.41 2.73 17.73
C ILE A 184 25.78 2.88 18.35
N ALA A 185 25.98 3.96 19.10
CA ALA A 185 27.25 4.30 19.74
C ALA A 185 27.79 3.16 20.59
N ASP A 186 29.09 2.91 20.53
CA ASP A 186 29.68 1.87 21.33
C ASP A 186 31.03 2.29 21.85
N ASN A 187 31.30 3.59 21.81
CA ASN A 187 32.48 4.16 22.49
C ASN A 187 33.85 4.00 21.83
N THR A 188 33.96 3.08 20.86
CA THR A 188 35.20 2.91 20.10
C THR A 188 35.54 4.12 19.15
N ARG A 189 36.84 4.34 18.91
CA ARG A 189 37.29 5.52 18.13
C ARG A 189 36.49 5.78 16.85
N GLU A 190 36.64 4.90 15.86
CA GLU A 190 35.97 5.09 14.58
C GLU A 190 34.45 5.24 14.72
N ASN A 191 33.88 4.52 15.71
CA ASN A 191 32.45 4.60 15.99
C ASN A 191 32.07 6.02 16.40
N THR A 192 32.64 6.45 17.51
CA THR A 192 32.44 7.78 18.01
C THR A 192 32.74 8.85 16.94
N LYS A 193 33.71 8.58 16.07
CA LYS A 193 34.02 9.54 15.03
C LYS A 193 32.79 9.76 14.16
N PHE A 194 32.22 8.69 13.60
CA PHE A 194 31.14 8.90 12.67
C PHE A 194 29.85 9.27 13.35
N VAL A 195 29.58 8.62 14.48
CA VAL A 195 28.34 8.84 15.21
C VAL A 195 28.22 10.34 15.55
N THR A 196 29.35 10.88 15.98
CA THR A 196 29.47 12.25 16.30
C THR A 196 29.26 13.15 15.10
N LYS A 197 29.92 12.83 13.99
CA LYS A 197 29.90 13.68 12.81
C LYS A 197 28.45 13.74 12.35
N MET A 198 27.83 12.57 12.35
CA MET A 198 26.48 12.37 11.87
C MET A 198 25.51 13.16 12.74
N TYR A 199 25.67 13.02 14.05
CA TYR A 199 24.82 13.72 15.00
C TYR A 199 24.81 15.20 14.68
N ASP A 200 26.01 15.78 14.58
CA ASP A 200 26.16 17.20 14.17
C ASP A 200 25.47 17.50 12.85
N LEU A 201 25.69 16.62 11.87
CA LEU A 201 25.12 16.78 10.54
C LEU A 201 23.60 16.95 10.61
N LEU A 202 22.97 16.03 11.30
CA LEU A 202 21.55 16.01 11.39
C LEU A 202 21.07 17.18 12.20
N LEU A 203 21.70 17.42 13.35
CA LEU A 203 21.28 18.55 14.17
C LEU A 203 21.34 19.85 13.35
N LEU A 204 22.45 20.12 12.66
CA LEU A 204 22.52 21.38 11.90
C LEU A 204 21.52 21.42 10.74
N LYS A 205 21.28 20.26 10.14
CA LYS A 205 20.34 20.19 9.00
C LYS A 205 18.91 20.54 9.45
N CYS A 206 18.56 20.04 10.62
CA CYS A 206 17.22 20.17 11.16
C CYS A 206 16.98 21.56 11.71
N ALA A 207 18.05 22.26 12.03
CA ALA A 207 17.95 23.62 12.45
C ALA A 207 17.76 24.51 11.20
N ARG A 208 18.58 24.28 10.18
CA ARG A 208 18.57 25.07 8.94
C ARG A 208 17.26 24.87 8.13
N LEU A 209 16.77 23.63 8.06
CA LEU A 209 15.40 23.36 7.62
C LEU A 209 14.59 23.30 8.91
N PHE A 210 13.34 23.74 8.88
CA PHE A 210 12.54 23.81 10.12
C PHE A 210 13.22 24.67 11.22
N PRO A 211 13.34 26.00 11.00
CA PRO A 211 14.15 26.90 11.86
C PRO A 211 13.95 26.74 13.36
N ASP A 212 12.81 26.23 13.77
CA ASP A 212 12.42 26.32 15.17
C ASP A 212 11.78 25.06 15.71
N SER A 213 12.31 23.92 15.33
CA SER A 213 11.89 22.67 15.97
C SER A 213 13.14 21.97 16.51
N ASN A 214 13.41 22.18 17.78
CA ASN A 214 14.60 21.59 18.38
C ASN A 214 14.49 20.07 18.56
N LEU A 215 15.36 19.36 17.84
CA LEU A 215 15.28 17.92 17.77
C LEU A 215 15.81 17.23 19.02
N GLU A 216 16.77 17.84 19.69
CA GLU A 216 17.25 17.26 20.91
C GLU A 216 16.17 17.23 21.96
N ALA A 217 15.12 18.03 21.74
CA ALA A 217 14.02 18.21 22.70
C ALA A 217 12.99 17.07 22.62
N VAL A 218 12.87 16.45 21.45
CA VAL A 218 12.00 15.29 21.26
C VAL A 218 12.43 14.15 22.20
N LEU A 219 11.55 13.79 23.14
CA LEU A 219 11.83 12.72 24.12
C LEU A 219 11.46 11.33 23.58
N ASN A 220 12.08 10.28 24.10
CA ASN A 220 11.69 8.93 23.62
C ASN A 220 10.54 8.41 24.46
N ASN A 221 10.18 7.14 24.34
CA ASN A 221 9.09 6.60 25.16
C ASN A 221 9.43 6.52 26.65
N ASP A 222 10.71 6.34 26.97
CA ASP A 222 11.15 6.43 28.35
C ASP A 222 11.35 7.87 28.73
N GLY A 223 10.68 8.79 28.04
CA GLY A 223 10.90 10.21 28.28
C GLY A 223 12.36 10.68 28.37
N LEU A 224 13.28 9.98 27.73
CA LEU A 224 14.68 10.39 27.67
C LEU A 224 14.95 11.21 26.41
N SER A 225 15.59 12.35 26.57
CA SER A 225 16.24 13.04 25.46
C SER A 225 17.42 12.19 24.94
N PRO A 226 17.98 12.53 23.76
CA PRO A 226 19.11 11.72 23.30
C PRO A 226 20.30 11.87 24.24
N LEU A 227 20.54 13.08 24.71
CA LEU A 227 21.62 13.33 25.68
C LEU A 227 21.56 12.42 26.93
N MET A 228 20.41 12.46 27.62
CA MET A 228 20.17 11.63 28.77
C MET A 228 20.24 10.15 28.45
N MET A 229 19.75 9.76 27.27
CA MET A 229 19.80 8.36 26.87
C MET A 229 21.24 7.81 26.87
N ALA A 230 22.14 8.60 26.27
CA ALA A 230 23.57 8.32 26.26
C ALA A 230 24.09 8.17 27.68
N ALA A 231 23.77 9.19 28.49
CA ALA A 231 24.09 9.24 29.92
C ALA A 231 23.69 7.94 30.58
N LYS A 232 22.44 7.59 30.43
CA LYS A 232 21.84 6.53 31.20
C LYS A 232 22.46 5.21 30.78
N THR A 233 23.00 5.16 29.57
CA THR A 233 23.39 3.88 29.05
C THR A 233 24.83 3.84 28.68
N GLY A 234 25.62 4.57 29.44
CA GLY A 234 27.06 4.46 29.37
C GLY A 234 27.68 4.89 28.06
N LYS A 235 26.99 5.75 27.30
CA LYS A 235 27.60 6.19 26.04
C LYS A 235 28.51 7.41 26.22
N ILE A 236 29.67 7.18 26.89
CA ILE A 236 30.60 8.25 27.30
C ILE A 236 30.96 9.14 26.13
N GLY A 237 31.47 8.51 25.06
CA GLY A 237 31.93 9.22 23.86
C GLY A 237 30.97 10.26 23.30
N ILE A 238 29.79 9.80 22.92
CA ILE A 238 28.79 10.68 22.32
C ILE A 238 28.28 11.73 23.29
N PHE A 239 28.05 11.31 24.53
CA PHE A 239 27.64 12.21 25.61
C PHE A 239 28.52 13.45 25.79
N GLN A 240 29.83 13.24 25.93
CA GLN A 240 30.81 14.33 26.08
C GLN A 240 30.75 15.28 24.91
N HIS A 241 30.55 14.70 23.71
CA HIS A 241 30.53 15.46 22.47
C HIS A 241 29.33 16.36 22.42
N ILE A 242 28.18 15.83 22.86
CA ILE A 242 27.01 16.66 23.01
C ILE A 242 27.25 17.87 23.96
N ILE A 243 27.80 17.60 25.14
CA ILE A 243 27.98 18.65 26.13
C ILE A 243 28.93 19.70 25.61
N ARG A 244 30.02 19.22 24.98
CA ARG A 244 31.10 20.09 24.47
C ARG A 244 30.55 21.32 23.78
N ARG A 245 29.56 21.14 22.91
CA ARG A 245 28.96 22.24 22.16
C ARG A 245 27.79 22.90 22.92
N GLU A 246 28.07 23.40 24.13
CA GLU A 246 27.11 24.13 24.95
C GLU A 246 27.32 25.67 24.81
N VAL A 247 27.01 26.44 25.87
CA VAL A 247 27.35 27.89 25.98
C VAL A 247 28.84 28.13 25.68
N MET B 1 -6.74 -8.39 26.74
CA MET B 1 -6.00 -9.07 25.64
C MET B 1 -6.88 -9.15 24.38
N PHE B 2 -6.29 -8.98 23.21
CA PHE B 2 -7.02 -9.02 21.94
C PHE B 2 -6.30 -9.90 20.94
N ASN B 3 -7.07 -10.61 20.11
CA ASN B 3 -6.53 -11.29 18.94
C ASN B 3 -7.58 -11.32 17.85
N ARG B 4 -7.23 -12.00 16.76
CA ARG B 4 -8.11 -12.00 15.59
C ARG B 4 -9.52 -12.45 15.94
N PRO B 5 -9.69 -13.61 16.59
CA PRO B 5 -11.05 -14.14 16.76
C PRO B 5 -11.92 -13.23 17.62
N ILE B 6 -11.35 -12.82 18.75
CA ILE B 6 -11.94 -11.86 19.66
C ILE B 6 -12.25 -10.60 18.89
N LEU B 7 -11.22 -10.00 18.28
CA LEU B 7 -11.42 -8.75 17.55
C LEU B 7 -12.57 -8.90 16.57
N PHE B 8 -12.48 -9.90 15.71
CA PHE B 8 -13.45 -10.11 14.68
C PHE B 8 -14.84 -10.26 15.25
N ASP B 9 -14.96 -10.99 16.35
CA ASP B 9 -16.26 -11.22 16.95
C ASP B 9 -16.82 -9.93 17.55
N ILE B 10 -15.99 -9.18 18.27
CA ILE B 10 -16.35 -7.85 18.77
C ILE B 10 -16.99 -7.05 17.62
N VAL B 11 -16.28 -6.92 16.52
CA VAL B 11 -16.81 -6.13 15.44
C VAL B 11 -17.97 -6.86 14.76
N SER B 12 -18.04 -8.17 14.90
CA SER B 12 -19.13 -8.86 14.29
C SER B 12 -20.43 -8.42 14.93
N ARG B 13 -20.42 -8.30 16.26
CA ARG B 13 -21.53 -7.77 17.05
C ARG B 13 -21.62 -6.25 16.95
N GLY B 14 -20.52 -5.64 16.53
CA GLY B 14 -20.45 -4.21 16.27
C GLY B 14 -20.76 -3.35 17.48
N SER B 15 -20.20 -3.71 18.62
CA SER B 15 -20.26 -2.90 19.83
C SER B 15 -18.98 -2.10 19.92
N THR B 16 -19.12 -0.78 20.01
CA THR B 16 -17.96 0.05 20.26
C THR B 16 -17.50 -0.26 21.69
N ALA B 17 -18.46 -0.41 22.59
CA ALA B 17 -18.18 -0.85 23.95
C ALA B 17 -16.96 -1.78 24.05
N ASP B 18 -17.04 -2.99 23.48
CA ASP B 18 -15.99 -3.98 23.77
C ASP B 18 -14.66 -3.73 23.06
N LEU B 19 -14.61 -2.65 22.29
CA LEU B 19 -13.39 -2.15 21.66
C LEU B 19 -12.53 -1.21 22.54
N ASP B 20 -13.11 -0.65 23.61
CA ASP B 20 -12.32 0.00 24.66
C ASP B 20 -11.18 -0.92 25.11
N GLY B 21 -9.96 -0.41 25.00
CA GLY B 21 -8.78 -1.13 25.45
C GLY B 21 -7.88 -1.46 24.29
N LEU B 22 -8.52 -1.57 23.12
CA LEU B 22 -7.84 -2.02 21.92
C LEU B 22 -6.73 -1.04 21.62
N LEU B 23 -7.07 0.25 21.58
CA LEU B 23 -6.06 1.25 21.23
C LEU B 23 -4.78 1.11 22.10
N PRO B 24 -4.92 1.20 23.45
CA PRO B 24 -3.77 1.05 24.36
C PRO B 24 -3.03 -0.25 24.14
N PHE B 25 -3.81 -1.33 24.03
CA PHE B 25 -3.25 -2.66 23.78
C PHE B 25 -2.27 -2.65 22.59
N LEU B 26 -2.71 -2.05 21.49
CA LEU B 26 -1.91 -1.93 20.28
C LEU B 26 -0.65 -1.10 20.47
N LEU B 27 -0.74 0.00 21.22
CA LEU B 27 0.41 0.85 21.46
C LEU B 27 1.41 0.18 22.36
N THR B 28 0.95 -0.38 23.48
CA THR B 28 1.88 -1.03 24.40
C THR B 28 2.38 -2.38 23.89
N HIS B 29 1.96 -2.78 22.70
CA HIS B 29 2.58 -3.91 22.06
C HIS B 29 3.01 -3.50 20.70
N LYS B 30 2.98 -2.19 20.48
CA LYS B 30 3.44 -1.57 19.22
C LYS B 30 3.01 -2.44 18.03
N LYS B 31 1.70 -2.56 17.88
CA LYS B 31 1.09 -3.59 17.08
C LYS B 31 -0.05 -3.01 16.27
N ARG B 32 -0.15 -3.41 15.00
CA ARG B 32 -1.10 -2.81 14.04
C ARG B 32 -2.19 -3.75 13.49
N LEU B 33 -3.42 -3.23 13.51
CA LEU B 33 -4.56 -3.82 12.82
C LEU B 33 -4.27 -4.47 11.45
N THR B 34 -3.16 -4.13 10.81
CA THR B 34 -2.83 -4.83 9.57
C THR B 34 -1.80 -5.92 9.72
N ASP B 35 -1.28 -6.14 10.92
CA ASP B 35 -0.33 -7.22 11.12
C ASP B 35 -1.05 -8.51 10.86
N GLU B 36 -0.36 -9.53 10.35
CA GLU B 36 -0.97 -10.83 10.11
C GLU B 36 -1.78 -11.36 11.27
N GLU B 37 -1.29 -11.24 12.51
CA GLU B 37 -2.04 -11.61 13.71
C GLU B 37 -3.49 -11.13 13.69
N PHE B 38 -3.77 -10.02 13.01
CA PHE B 38 -5.16 -9.57 12.93
C PHE B 38 -5.83 -9.67 11.57
N ARG B 39 -5.29 -10.53 10.69
CA ARG B 39 -5.97 -10.84 9.43
C ARG B 39 -6.27 -12.32 9.31
N GLU B 40 -7.42 -12.62 8.68
CA GLU B 40 -7.77 -13.97 8.24
C GLU B 40 -6.64 -14.52 7.44
N PRO B 41 -6.13 -15.65 7.89
CA PRO B 41 -4.93 -16.24 7.29
C PRO B 41 -5.00 -16.40 5.76
N SER B 42 -6.07 -16.92 5.18
CA SER B 42 -5.95 -17.17 3.74
C SER B 42 -6.41 -16.06 2.81
N THR B 43 -7.19 -15.11 3.30
CA THR B 43 -7.56 -14.00 2.43
C THR B 43 -6.82 -12.70 2.71
N GLY B 44 -6.34 -12.55 3.96
CA GLY B 44 -5.64 -11.34 4.41
C GLY B 44 -6.66 -10.25 4.78
N LYS B 45 -7.92 -10.68 4.93
CA LYS B 45 -9.05 -9.83 5.35
C LYS B 45 -8.80 -9.23 6.73
N THR B 46 -8.87 -7.91 6.81
CA THR B 46 -8.70 -7.18 8.06
C THR B 46 -10.07 -7.07 8.67
N CYS B 47 -10.15 -6.51 9.89
CA CYS B 47 -11.45 -6.32 10.52
C CYS B 47 -12.34 -5.31 9.80
N LEU B 48 -11.78 -4.48 8.92
CA LEU B 48 -12.61 -3.48 8.24
C LEU B 48 -13.62 -4.10 7.27
N PRO B 49 -13.15 -4.93 6.32
CA PRO B 49 -14.22 -5.63 5.56
C PRO B 49 -15.06 -6.44 6.52
N LYS B 50 -14.48 -6.95 7.60
CA LYS B 50 -15.27 -7.71 8.53
C LYS B 50 -16.46 -6.93 9.04
N ALA B 51 -16.27 -5.64 9.31
CA ALA B 51 -17.37 -4.83 9.84
C ALA B 51 -18.37 -4.57 8.75
N LEU B 52 -17.84 -4.27 7.57
CA LEU B 52 -18.69 -3.88 6.47
C LEU B 52 -19.57 -5.03 6.03
N LEU B 53 -19.09 -6.26 6.24
CA LEU B 53 -19.89 -7.42 5.91
C LEU B 53 -20.96 -7.64 6.98
N ASN B 54 -20.73 -7.12 8.19
CA ASN B 54 -21.75 -7.25 9.22
C ASN B 54 -22.47 -5.95 9.59
N LEU B 55 -23.02 -5.27 8.59
CA LEU B 55 -23.85 -4.11 8.88
C LEU B 55 -25.18 -4.51 9.50
N SER B 56 -25.75 -3.62 10.31
CA SER B 56 -27.10 -3.80 10.81
C SER B 56 -27.94 -2.60 10.41
N ASN B 57 -28.97 -2.90 9.61
CA ASN B 57 -29.67 -1.93 8.81
C ASN B 57 -28.84 -0.72 8.46
N GLY B 58 -27.75 -1.01 7.75
CA GLY B 58 -26.93 0.01 7.13
C GLY B 58 -25.81 0.57 7.98
N ARG B 59 -25.69 0.06 9.22
CA ARG B 59 -24.69 0.59 10.14
CA ARG B 59 -24.79 0.61 10.24
C ARG B 59 -23.92 -0.45 10.94
N ASN B 60 -22.61 -0.26 11.00
CA ASN B 60 -21.82 -0.96 11.99
C ASN B 60 -20.92 0.07 12.63
N ASP B 61 -21.25 0.41 13.87
CA ASP B 61 -20.68 1.57 14.48
C ASP B 61 -19.18 1.46 14.79
N THR B 62 -18.62 0.26 14.75
CA THR B 62 -17.18 0.11 15.04
C THR B 62 -16.33 0.69 13.93
N ILE B 63 -16.90 0.90 12.76
CA ILE B 63 -16.12 1.36 11.62
C ILE B 63 -15.43 2.73 11.84
N PRO B 64 -16.18 3.77 12.30
CA PRO B 64 -15.52 5.06 12.57
C PRO B 64 -14.39 4.89 13.56
N VAL B 65 -14.64 4.07 14.58
CA VAL B 65 -13.69 3.76 15.65
C VAL B 65 -12.42 3.04 15.18
N LEU B 66 -12.61 1.98 14.40
CA LEU B 66 -11.50 1.24 13.85
C LEU B 66 -10.66 2.15 12.98
N LEU B 67 -11.31 3.08 12.30
CA LEU B 67 -10.61 3.95 11.38
C LEU B 67 -9.72 4.89 12.15
N ASP B 68 -10.28 5.39 13.25
CA ASP B 68 -9.56 6.24 14.19
C ASP B 68 -8.37 5.49 14.77
N ILE B 69 -8.60 4.27 15.27
CA ILE B 69 -7.51 3.47 15.84
C ILE B 69 -6.33 3.26 14.88
N ALA B 70 -6.63 2.91 13.64
CA ALA B 70 -5.59 2.65 12.64
C ALA B 70 -4.73 3.86 12.43
N GLU B 71 -5.34 5.03 12.54
CA GLU B 71 -4.68 6.32 12.47
C GLU B 71 -3.59 6.45 13.53
N ARG B 72 -3.97 6.08 14.74
CA ARG B 72 -3.17 6.33 15.90
C ARG B 72 -2.19 5.20 16.13
N THR B 73 -2.17 4.22 15.23
CA THR B 73 -1.14 3.22 15.22
C THR B 73 -0.39 3.34 13.92
N GLY B 74 -0.64 4.48 13.28
CA GLY B 74 0.13 4.97 12.15
C GLY B 74 -0.02 4.35 10.78
N ASN B 75 -1.18 3.80 10.44
CA ASN B 75 -1.34 3.19 9.11
C ASN B 75 -2.76 3.20 8.51
N MET B 76 -3.41 4.35 8.41
CA MET B 76 -4.80 4.27 7.96
C MET B 76 -4.91 3.90 6.51
N ARG B 77 -4.16 4.58 5.64
CA ARG B 77 -4.23 4.32 4.20
C ARG B 77 -3.99 2.85 3.94
N GLU B 78 -2.92 2.35 4.58
CA GLU B 78 -2.56 0.94 4.50
C GLU B 78 -3.71 0.06 4.98
N PHE B 79 -4.39 0.47 6.04
CA PHE B 79 -5.51 -0.30 6.61
C PHE B 79 -6.68 -0.36 5.63
N ILE B 80 -7.12 0.81 5.24
CA ILE B 80 -8.24 1.00 4.35
C ILE B 80 -8.05 0.24 3.04
N ASN B 81 -6.82 0.23 2.55
CA ASN B 81 -6.58 -0.27 1.20
C ASN B 81 -6.16 -1.70 1.08
N SER B 82 -5.88 -2.31 2.22
CA SER B 82 -5.73 -3.76 2.31
C SER B 82 -6.75 -4.48 1.50
N PRO B 83 -6.29 -5.25 0.50
CA PRO B 83 -7.07 -6.06 -0.45
C PRO B 83 -7.14 -7.54 -0.05
N PHE B 84 -8.20 -8.22 -0.50
CA PHE B 84 -8.23 -9.66 -0.34
C PHE B 84 -7.11 -10.23 -1.21
N ARG B 85 -6.42 -11.26 -0.72
CA ARG B 85 -5.40 -11.89 -1.55
C ARG B 85 -5.69 -13.31 -2.03
N ASP B 86 -6.81 -13.90 -1.63
CA ASP B 86 -7.17 -15.28 -2.00
C ASP B 86 -7.48 -15.31 -3.49
N ILE B 87 -7.61 -16.47 -4.11
CA ILE B 87 -7.81 -16.48 -5.56
C ILE B 87 -9.26 -16.19 -5.88
N TYR B 88 -10.16 -16.22 -4.90
CA TYR B 88 -11.57 -15.92 -5.19
C TYR B 88 -11.94 -14.47 -5.14
N TYR B 89 -11.50 -13.78 -4.09
CA TYR B 89 -11.79 -12.35 -3.90
C TYR B 89 -10.64 -11.38 -4.24
N ARG B 90 -9.59 -11.93 -4.85
CA ARG B 90 -8.33 -11.22 -5.01
C ARG B 90 -8.64 -9.80 -5.49
N GLY B 91 -8.22 -8.83 -4.68
CA GLY B 91 -8.23 -7.42 -5.04
C GLY B 91 -9.41 -6.68 -4.44
N GLN B 92 -10.41 -7.41 -3.95
CA GLN B 92 -11.53 -6.77 -3.27
C GLN B 92 -11.02 -5.93 -2.08
N THR B 93 -11.56 -4.72 -1.96
CA THR B 93 -11.16 -3.86 -0.86
C THR B 93 -12.39 -3.45 -0.09
N ALA B 94 -12.15 -2.90 1.10
CA ALA B 94 -13.25 -2.38 1.95
C ALA B 94 -14.22 -1.50 1.13
N LEU B 95 -13.68 -0.70 0.22
CA LEU B 95 -14.53 0.20 -0.54
C LEU B 95 -15.54 -0.54 -1.42
N HIS B 96 -15.06 -1.57 -2.13
CA HIS B 96 -15.92 -2.41 -2.93
C HIS B 96 -17.12 -2.91 -2.15
N ILE B 97 -16.90 -3.31 -0.89
CA ILE B 97 -17.93 -3.95 -0.11
C ILE B 97 -18.96 -2.91 0.25
N ALA B 98 -18.49 -1.71 0.57
CA ALA B 98 -19.39 -0.62 0.93
C ALA B 98 -20.29 -0.31 -0.26
N ILE B 99 -19.71 -0.24 -1.44
CA ILE B 99 -20.52 -0.09 -2.62
C ILE B 99 -21.49 -1.26 -2.76
N GLU B 100 -21.03 -2.54 -2.77
CA GLU B 100 -21.97 -3.62 -3.10
C GLU B 100 -23.03 -3.62 -2.06
N ARG B 101 -22.69 -3.07 -0.90
CA ARG B 101 -23.59 -3.12 0.24
C ARG B 101 -24.57 -1.95 0.30
N ARG B 102 -24.45 -1.05 -0.68
CA ARG B 102 -25.32 0.11 -0.89
C ARG B 102 -25.29 1.14 0.26
N CYS B 103 -24.08 1.57 0.61
CA CYS B 103 -23.85 2.58 1.64
C CYS B 103 -23.12 3.82 1.19
N LYS B 104 -23.84 4.73 0.54
CA LYS B 104 -23.27 6.00 0.18
C LYS B 104 -22.50 6.55 1.39
N HIS B 105 -23.09 6.45 2.60
CA HIS B 105 -22.40 6.92 3.82
C HIS B 105 -21.01 6.38 4.04
N TYR B 106 -20.86 5.06 4.05
CA TYR B 106 -19.54 4.49 4.29
C TYR B 106 -18.61 4.68 3.12
N VAL B 107 -19.19 4.84 1.92
CA VAL B 107 -18.36 5.08 0.74
C VAL B 107 -17.66 6.40 0.95
N GLU B 108 -18.48 7.41 1.22
CA GLU B 108 -17.95 8.73 1.49
C GLU B 108 -16.88 8.68 2.56
N LEU B 109 -17.17 7.97 3.65
CA LEU B 109 -16.24 7.87 4.78
C LEU B 109 -14.85 7.38 4.29
N LEU B 110 -14.82 6.18 3.70
CA LEU B 110 -13.58 5.61 3.27
C LEU B 110 -12.88 6.50 2.20
N VAL B 111 -13.65 7.09 1.28
CA VAL B 111 -13.00 7.87 0.22
C VAL B 111 -12.37 9.11 0.84
N ALA B 112 -13.08 9.72 1.77
CA ALA B 112 -12.54 10.90 2.41
C ALA B 112 -11.30 10.47 3.18
N GLN B 113 -11.25 9.22 3.61
CA GLN B 113 -10.07 8.74 4.33
C GLN B 113 -8.96 8.20 3.45
N GLY B 114 -9.14 8.30 2.14
CA GLY B 114 -8.10 7.98 1.16
C GLY B 114 -8.15 6.56 0.66
N ALA B 115 -9.33 5.94 0.68
CA ALA B 115 -9.53 4.69 -0.05
C ALA B 115 -9.04 4.85 -1.48
N ASP B 116 -8.38 3.83 -2.02
CA ASP B 116 -8.09 3.80 -3.47
C ASP B 116 -9.36 3.58 -4.31
N VAL B 117 -9.70 4.54 -5.16
CA VAL B 117 -10.94 4.45 -5.97
C VAL B 117 -10.82 3.68 -7.30
N HIS B 118 -9.62 3.13 -7.52
CA HIS B 118 -9.33 2.38 -8.73
C HIS B 118 -8.90 0.99 -8.43
N ALA B 119 -9.11 0.56 -7.19
CA ALA B 119 -8.81 -0.82 -6.81
C ALA B 119 -9.64 -1.73 -7.68
N GLN B 120 -8.98 -2.71 -8.25
CA GLN B 120 -9.70 -3.69 -9.05
C GLN B 120 -9.94 -4.99 -8.30
N ALA B 121 -11.22 -5.29 -8.08
CA ALA B 121 -11.65 -6.64 -7.68
C ALA B 121 -11.40 -7.67 -8.81
N ARG B 122 -10.33 -8.48 -8.74
CA ARG B 122 -9.95 -9.35 -9.87
C ARG B 122 -10.10 -10.85 -9.62
N GLY B 123 -10.45 -11.26 -8.41
CA GLY B 123 -10.54 -12.71 -8.14
C GLY B 123 -11.56 -13.49 -8.98
N ARG B 124 -11.53 -14.82 -8.83
CA ARG B 124 -12.32 -15.73 -9.62
C ARG B 124 -13.78 -15.37 -9.58
N PHE B 125 -14.28 -15.02 -8.41
CA PHE B 125 -15.68 -14.63 -8.31
C PHE B 125 -16.02 -13.41 -9.18
N PHE B 126 -15.10 -12.47 -9.35
CA PHE B 126 -15.46 -11.21 -9.97
C PHE B 126 -15.13 -11.19 -11.45
N GLN B 127 -14.73 -12.34 -11.96
CA GLN B 127 -14.42 -12.49 -13.38
C GLN B 127 -15.65 -12.73 -14.27
N PRO B 128 -15.55 -12.45 -15.58
CA PRO B 128 -16.67 -12.64 -16.52
C PRO B 128 -17.09 -14.08 -16.52
N LYS B 129 -18.36 -14.37 -16.77
CA LYS B 129 -18.82 -15.75 -16.70
C LYS B 129 -17.96 -16.69 -17.54
N ASP B 130 -17.65 -16.30 -18.77
CA ASP B 130 -16.89 -17.15 -19.68
C ASP B 130 -15.44 -17.34 -19.30
N GLU B 131 -14.98 -16.62 -18.28
CA GLU B 131 -13.71 -16.97 -17.64
C GLU B 131 -13.90 -17.79 -16.38
N GLY B 132 -15.09 -18.36 -16.19
CA GLY B 132 -15.40 -19.18 -15.01
C GLY B 132 -15.66 -18.36 -13.77
N GLY B 133 -16.10 -17.12 -13.95
CA GLY B 133 -16.36 -16.20 -12.83
C GLY B 133 -17.85 -16.15 -12.62
N TYR B 134 -18.28 -15.48 -11.56
CA TYR B 134 -19.67 -15.63 -11.15
C TYR B 134 -20.40 -14.35 -10.97
N PHE B 135 -19.68 -13.23 -10.95
CA PHE B 135 -20.30 -11.92 -10.79
C PHE B 135 -19.33 -10.86 -11.27
N TYR B 136 -19.44 -10.53 -12.54
CA TYR B 136 -18.54 -9.60 -13.16
C TYR B 136 -19.19 -8.26 -13.30
N PHE B 137 -18.43 -7.22 -13.00
CA PHE B 137 -18.94 -5.86 -13.07
C PHE B 137 -17.82 -4.87 -13.45
N GLY B 138 -16.74 -5.40 -14.06
CA GLY B 138 -15.60 -4.61 -14.52
C GLY B 138 -14.65 -4.21 -13.41
N GLU B 139 -14.63 -4.97 -12.31
CA GLU B 139 -13.56 -4.91 -11.26
C GLU B 139 -13.43 -3.60 -10.44
N LEU B 140 -13.69 -2.48 -11.10
CA LEU B 140 -13.42 -1.17 -10.55
C LEU B 140 -14.59 -0.65 -9.75
N PRO B 141 -14.31 0.04 -8.63
CA PRO B 141 -15.36 0.65 -7.78
C PRO B 141 -16.45 1.41 -8.57
N LEU B 142 -16.04 2.21 -9.56
CA LEU B 142 -16.98 2.99 -10.37
C LEU B 142 -17.88 2.07 -11.16
N SER B 143 -17.24 1.15 -11.88
CA SER B 143 -17.97 0.18 -12.68
C SER B 143 -18.96 -0.62 -11.80
N LEU B 144 -18.52 -0.95 -10.58
CA LEU B 144 -19.39 -1.62 -9.62
C LEU B 144 -20.64 -0.77 -9.32
N ALA B 145 -20.43 0.53 -9.08
CA ALA B 145 -21.55 1.35 -8.66
C ALA B 145 -22.51 1.49 -9.81
N ALA B 146 -21.96 1.57 -11.03
CA ALA B 146 -22.74 1.62 -12.27
C ALA B 146 -23.57 0.36 -12.44
N CYS B 147 -22.89 -0.77 -12.47
CA CYS B 147 -23.55 -2.05 -12.70
C CYS B 147 -24.62 -2.41 -11.68
N THR B 148 -24.56 -1.88 -10.47
CA THR B 148 -25.50 -2.27 -9.44
C THR B 148 -26.58 -1.22 -9.31
N ASN B 149 -26.54 -0.24 -10.21
CA ASN B 149 -27.59 0.75 -10.33
C ASN B 149 -27.63 1.75 -9.19
N GLN B 150 -26.50 2.36 -8.88
CA GLN B 150 -26.45 3.30 -7.76
C GLN B 150 -25.93 4.65 -8.24
N PRO B 151 -26.80 5.41 -8.94
CA PRO B 151 -26.45 6.69 -9.55
C PRO B 151 -25.73 7.63 -8.56
N HIS B 152 -26.26 7.71 -7.34
CA HIS B 152 -25.72 8.63 -6.36
C HIS B 152 -24.26 8.37 -6.10
N ILE B 153 -23.89 7.10 -6.01
CA ILE B 153 -22.50 6.72 -5.77
C ILE B 153 -21.64 6.96 -7.01
N VAL B 154 -22.20 6.67 -8.17
CA VAL B 154 -21.54 6.95 -9.43
C VAL B 154 -21.17 8.44 -9.45
N ASN B 155 -22.18 9.28 -9.27
CA ASN B 155 -21.97 10.69 -9.04
C ASN B 155 -20.88 11.03 -8.04
N TYR B 156 -21.01 10.50 -6.83
CA TYR B 156 -20.09 10.84 -5.76
C TYR B 156 -18.66 10.56 -6.19
N LEU B 157 -18.45 9.35 -6.67
CA LEU B 157 -17.14 8.87 -7.04
C LEU B 157 -16.43 9.67 -8.13
N THR B 158 -17.20 10.22 -9.08
CA THR B 158 -16.62 11.03 -10.15
C THR B 158 -16.40 12.50 -9.79
N GLU B 159 -17.36 13.11 -9.10
CA GLU B 159 -17.16 14.46 -8.57
C GLU B 159 -17.19 14.48 -7.07
N ASN B 160 -16.02 14.34 -6.46
CA ASN B 160 -15.87 14.52 -5.03
C ASN B 160 -14.54 15.24 -4.77
N PRO B 161 -14.39 15.88 -3.60
CA PRO B 161 -13.15 16.68 -3.41
C PRO B 161 -11.87 15.84 -3.31
N HIS B 162 -11.85 14.79 -2.47
CA HIS B 162 -10.73 13.85 -2.43
C HIS B 162 -10.75 13.04 -3.69
N LYS B 163 -9.85 12.05 -3.81
CA LYS B 163 -9.77 11.19 -5.03
C LYS B 163 -11.08 10.88 -5.83
N LYS B 164 -11.02 11.15 -7.12
CA LYS B 164 -12.18 11.07 -8.01
C LYS B 164 -11.96 10.09 -9.18
N ALA B 165 -12.79 9.06 -9.28
CA ALA B 165 -12.63 7.93 -10.19
C ALA B 165 -12.75 8.26 -11.66
N ASP B 166 -11.75 7.91 -12.45
CA ASP B 166 -11.77 8.05 -13.93
C ASP B 166 -12.82 7.16 -14.61
N MET B 167 -13.67 7.74 -15.45
CA MET B 167 -14.67 6.95 -16.20
C MET B 167 -13.98 6.21 -17.32
N ARG B 168 -12.85 6.77 -17.73
CA ARG B 168 -12.07 6.27 -18.87
C ARG B 168 -11.28 5.05 -18.45
N ARG B 169 -11.10 4.89 -17.16
CA ARG B 169 -10.37 3.78 -16.59
C ARG B 169 -10.86 2.43 -17.13
N GLN B 170 -9.91 1.51 -17.26
CA GLN B 170 -10.13 0.18 -17.84
C GLN B 170 -9.66 -0.95 -16.94
N ASP B 171 -10.37 -2.06 -16.96
CA ASP B 171 -10.03 -3.17 -16.10
C ASP B 171 -9.02 -4.07 -16.77
N SER B 172 -8.81 -5.27 -16.25
CA SER B 172 -7.79 -6.13 -16.79
C SER B 172 -8.17 -6.80 -18.10
N ARG B 173 -9.32 -6.45 -18.66
CA ARG B 173 -9.69 -6.91 -20.00
C ARG B 173 -9.82 -5.73 -20.95
N GLY B 174 -9.37 -4.57 -20.48
CA GLY B 174 -9.53 -3.34 -21.20
C GLY B 174 -10.96 -2.85 -21.19
N ASN B 175 -11.77 -3.31 -20.25
CA ASN B 175 -13.16 -2.91 -20.19
C ASN B 175 -13.41 -1.63 -19.43
N THR B 176 -13.96 -0.63 -20.10
CA THR B 176 -14.40 0.60 -19.46
C THR B 176 -15.70 0.28 -18.73
N VAL B 177 -16.20 1.26 -17.99
CA VAL B 177 -17.50 1.08 -17.35
C VAL B 177 -18.64 0.75 -18.33
N LEU B 178 -18.56 1.27 -19.55
CA LEU B 178 -19.58 0.98 -20.58
C LEU B 178 -19.53 -0.48 -21.04
N HIS B 179 -18.31 -1.01 -21.16
CA HIS B 179 -18.13 -2.42 -21.50
C HIS B 179 -18.80 -3.25 -20.44
N ALA B 180 -18.60 -2.85 -19.19
CA ALA B 180 -19.18 -3.55 -18.06
C ALA B 180 -20.69 -3.53 -18.11
N LEU B 181 -21.26 -2.38 -18.49
CA LEU B 181 -22.72 -2.30 -18.61
C LEU B 181 -23.22 -3.25 -19.68
N VAL B 182 -22.53 -3.32 -20.80
CA VAL B 182 -22.87 -4.34 -21.76
C VAL B 182 -22.79 -5.72 -21.13
N ALA B 183 -21.70 -5.98 -20.40
CA ALA B 183 -21.50 -7.24 -19.70
C ALA B 183 -22.65 -7.57 -18.81
N ILE B 184 -23.10 -6.58 -18.02
CA ILE B 184 -24.08 -6.82 -16.96
C ILE B 184 -25.52 -6.98 -17.45
N ALA B 185 -25.78 -6.57 -18.68
CA ALA B 185 -27.13 -6.60 -19.22
C ALA B 185 -27.56 -8.01 -19.60
N ASP B 186 -28.65 -8.49 -19.02
CA ASP B 186 -29.44 -9.55 -19.66
C ASP B 186 -30.40 -8.78 -20.55
N ASN B 187 -31.41 -9.40 -21.14
CA ASN B 187 -32.21 -8.60 -22.06
C ASN B 187 -33.60 -8.33 -21.53
N THR B 188 -33.72 -8.13 -20.22
CA THR B 188 -35.04 -8.06 -19.58
C THR B 188 -35.46 -6.62 -19.46
N ARG B 189 -36.77 -6.37 -19.49
CA ARG B 189 -37.24 -4.98 -19.57
C ARG B 189 -36.68 -4.08 -18.44
N GLU B 190 -36.83 -4.53 -17.18
CA GLU B 190 -36.29 -3.82 -16.02
C GLU B 190 -34.82 -3.46 -16.24
N ASN B 191 -34.02 -4.47 -16.60
CA ASN B 191 -32.57 -4.36 -16.81
C ASN B 191 -32.22 -3.27 -17.84
N THR B 192 -32.65 -3.51 -19.08
CA THR B 192 -32.47 -2.57 -20.18
C THR B 192 -32.79 -1.14 -19.76
N LYS B 193 -33.90 -0.95 -19.06
CA LYS B 193 -34.26 0.39 -18.60
C LYS B 193 -33.19 1.00 -17.68
N PHE B 194 -32.65 0.24 -16.74
CA PHE B 194 -31.66 0.86 -15.87
C PHE B 194 -30.31 1.00 -16.56
N VAL B 195 -29.94 0.00 -17.37
CA VAL B 195 -28.61 -0.04 -18.01
C VAL B 195 -28.45 1.11 -18.98
N THR B 196 -29.40 1.18 -19.91
CA THR B 196 -29.65 2.31 -20.78
C THR B 196 -29.42 3.62 -20.06
N LYS B 197 -30.31 3.96 -19.13
CA LYS B 197 -30.25 5.25 -18.47
C LYS B 197 -28.88 5.50 -17.84
N MET B 198 -28.31 4.43 -17.31
CA MET B 198 -27.01 4.48 -16.69
C MET B 198 -25.95 4.84 -17.74
N TYR B 199 -25.91 4.06 -18.83
CA TYR B 199 -25.00 4.28 -19.96
C TYR B 199 -25.06 5.76 -20.38
N ASP B 200 -26.28 6.22 -20.70
CA ASP B 200 -26.54 7.62 -20.95
C ASP B 200 -25.81 8.50 -19.94
N LEU B 201 -26.33 8.56 -18.71
CA LEU B 201 -25.75 9.32 -17.59
C LEU B 201 -24.24 9.48 -17.70
N LEU B 202 -23.58 8.37 -18.04
CA LEU B 202 -22.13 8.33 -18.00
C LEU B 202 -21.43 8.95 -19.21
N LEU B 203 -21.92 8.62 -20.42
CA LEU B 203 -21.48 9.30 -21.66
C LEU B 203 -21.62 10.78 -21.47
N LEU B 204 -22.81 11.20 -21.11
CA LEU B 204 -23.07 12.60 -20.88
C LEU B 204 -22.11 13.24 -19.89
N LYS B 205 -21.76 12.51 -18.85
CA LYS B 205 -20.84 13.02 -17.83
C LYS B 205 -19.44 13.21 -18.38
N CYS B 206 -18.98 12.22 -19.15
CA CYS B 206 -17.64 12.14 -19.71
C CYS B 206 -17.39 13.11 -20.87
N ALA B 207 -18.50 13.60 -21.44
CA ALA B 207 -18.52 14.74 -22.33
C ALA B 207 -18.22 16.02 -21.53
N ARG B 208 -19.17 16.47 -20.71
CA ARG B 208 -18.99 17.71 -19.94
C ARG B 208 -18.07 17.58 -18.71
N LEU B 209 -17.12 16.64 -18.79
CA LEU B 209 -15.97 16.57 -17.89
C LEU B 209 -14.94 15.99 -18.82
N PHE B 210 -13.89 16.75 -19.11
CA PHE B 210 -12.96 16.45 -20.21
C PHE B 210 -13.65 15.96 -21.52
N PRO B 211 -14.14 16.93 -22.33
CA PRO B 211 -14.67 16.57 -23.64
C PRO B 211 -13.51 16.22 -24.52
N ASP B 212 -13.78 15.83 -25.76
CA ASP B 212 -12.71 15.49 -26.68
C ASP B 212 -12.27 14.04 -26.46
N SER B 213 -12.30 13.59 -25.21
CA SER B 213 -12.16 12.16 -24.92
C SER B 213 -13.49 11.46 -25.23
N ASN B 214 -13.47 10.61 -26.25
CA ASN B 214 -14.63 9.83 -26.66
C ASN B 214 -14.60 8.41 -26.07
N LEU B 215 -15.55 8.13 -25.19
CA LEU B 215 -15.54 6.90 -24.41
C LEU B 215 -16.10 5.70 -25.19
N GLU B 216 -17.19 5.92 -25.92
CA GLU B 216 -17.74 4.89 -26.77
C GLU B 216 -16.65 4.29 -27.63
N ALA B 217 -15.51 4.99 -27.70
CA ALA B 217 -14.39 4.71 -28.64
C ALA B 217 -13.30 3.81 -28.03
N VAL B 218 -13.03 3.97 -26.74
CA VAL B 218 -12.05 3.12 -26.06
C VAL B 218 -12.39 1.64 -26.32
N LEU B 219 -11.57 0.98 -27.13
CA LEU B 219 -11.67 -0.48 -27.33
C LEU B 219 -11.19 -1.29 -26.13
N ASN B 220 -11.42 -2.59 -26.12
CA ASN B 220 -10.88 -3.46 -25.06
C ASN B 220 -9.83 -4.39 -25.66
N ASN B 221 -9.29 -5.30 -24.87
CA ASN B 221 -8.26 -6.22 -25.36
C ASN B 221 -8.73 -7.12 -26.48
N ASP B 222 -10.03 -7.19 -26.72
CA ASP B 222 -10.54 -8.02 -27.82
C ASP B 222 -10.77 -7.15 -29.03
N GLY B 223 -10.64 -5.83 -28.82
CA GLY B 223 -10.74 -4.85 -29.87
C GLY B 223 -12.10 -4.21 -29.93
N LEU B 224 -12.99 -4.55 -29.00
CA LEU B 224 -14.38 -4.14 -29.17
C LEU B 224 -14.76 -2.90 -28.42
N SER B 225 -15.61 -2.10 -29.05
CA SER B 225 -16.21 -0.92 -28.44
C SER B 225 -17.42 -1.43 -27.71
N PRO B 226 -17.93 -0.65 -26.75
CA PRO B 226 -19.13 -1.15 -26.10
C PRO B 226 -20.15 -1.61 -27.14
N LEU B 227 -20.48 -0.74 -28.09
CA LEU B 227 -21.43 -1.11 -29.12
C LEU B 227 -21.13 -2.49 -29.75
N MET B 228 -19.96 -2.60 -30.35
CA MET B 228 -19.52 -3.83 -30.96
C MET B 228 -19.64 -5.03 -30.02
N MET B 229 -19.38 -4.84 -28.73
CA MET B 229 -19.37 -5.96 -27.78
C MET B 229 -20.79 -6.47 -27.54
N ALA B 230 -21.73 -5.52 -27.44
CA ALA B 230 -23.16 -5.80 -27.29
C ALA B 230 -23.61 -6.65 -28.46
N ALA B 231 -23.31 -6.13 -29.65
CA ALA B 231 -23.53 -6.86 -30.88
C ALA B 231 -23.01 -8.28 -30.77
N LYS B 232 -21.73 -8.46 -30.40
CA LYS B 232 -21.13 -9.77 -30.51
C LYS B 232 -21.61 -10.74 -29.44
N THR B 233 -22.32 -10.22 -28.44
CA THR B 233 -22.76 -11.08 -27.33
C THR B 233 -24.28 -11.11 -27.14
N GLY B 234 -25.05 -10.76 -28.16
CA GLY B 234 -26.52 -10.85 -28.05
C GLY B 234 -27.19 -9.93 -27.06
N LYS B 235 -26.49 -8.86 -26.69
CA LYS B 235 -27.06 -7.89 -25.77
C LYS B 235 -27.83 -6.88 -26.60
N ILE B 236 -28.93 -7.38 -27.15
CA ILE B 236 -29.65 -6.71 -28.20
C ILE B 236 -30.28 -5.38 -27.78
N GLY B 237 -30.68 -5.31 -26.51
CA GLY B 237 -31.46 -4.22 -25.98
C GLY B 237 -30.63 -2.96 -25.93
N ILE B 238 -29.41 -3.15 -25.42
CA ILE B 238 -28.47 -2.07 -25.21
C ILE B 238 -27.84 -1.68 -26.54
N PHE B 239 -27.57 -2.70 -27.35
CA PHE B 239 -27.17 -2.53 -28.74
C PHE B 239 -28.04 -1.49 -29.43
N GLN B 240 -29.33 -1.80 -29.52
CA GLN B 240 -30.33 -0.90 -30.04
C GLN B 240 -30.34 0.46 -29.37
N HIS B 241 -30.28 0.46 -28.04
CA HIS B 241 -30.25 1.74 -27.39
C HIS B 241 -29.12 2.55 -27.95
N ILE B 242 -27.95 1.92 -28.06
CA ILE B 242 -26.74 2.60 -28.52
C ILE B 242 -26.89 3.16 -29.92
N ILE B 243 -27.39 2.38 -30.87
CA ILE B 243 -27.64 2.96 -32.20
C ILE B 243 -28.86 3.90 -32.14
N ARG B 244 -28.76 5.00 -31.37
CA ARG B 244 -29.87 5.91 -31.28
C ARG B 244 -29.62 7.28 -31.85
N ARG B 245 -30.54 7.67 -32.73
CA ARG B 245 -30.33 8.67 -33.79
C ARG B 245 -28.91 8.63 -34.38
#